data_1Z17
#
_entry.id   1Z17
#
_cell.length_a   99.130
_cell.length_b   99.130
_cell.length_c   93.180
_cell.angle_alpha   90.00
_cell.angle_beta   90.00
_cell.angle_gamma   120.00
#
_symmetry.space_group_name_H-M   'P 31 2 1'
#
loop_
_entity.id
_entity.type
_entity.pdbx_description
1 polymer 'Leu/Ile/Val-binding protein'
2 non-polymer ISOLEUCINE
3 non-polymer (4R)-2-METHYLPENTANE-2,4-DIOL
4 water water
#
_entity_poly.entity_id   1
_entity_poly.type   'polypeptide(L)'
_entity_poly.pdbx_seq_one_letter_code
;EDIKVAVVGAMSGPVAQYGDQEFTGAEQAVADINAKGGIKGNKLQIVKYDDACDPKQAVAVANKVVNDGIKYVIGHLCSS
STQPASDIYEDEGILMITPAATAPELTARGYQLILRTTGLDSDQGPTAAKYILEKVKPQRIAIVHDKQQYGEGLARAVQD
GLKKGNANVVFFDGITAGEKDFSTLVARLKKENIDFVYYGGYHPEMGQILRQARAAGLKTQFMGPEGVANVSLSNIAGES
AEGLLVTKPKNYDQVPANKPIVDAIKAKKQDPSGAFVWTTYAALQSLQAGLNQSDDPAEIAKYLKANSVDTVMGPLTWDE
KGDLKGFEFGVFDWHANGTATDAK
;
_entity_poly.pdbx_strand_id   A
#
loop_
_chem_comp.id
_chem_comp.type
_chem_comp.name
_chem_comp.formula
MRD non-polymer (4R)-2-METHYLPENTANE-2,4-DIOL 'C6 H14 O2'
#
# COMPACT_ATOMS: atom_id res chain seq x y z
N GLU A 1 -14.08 29.73 4.00
CA GLU A 1 -13.47 29.15 5.22
C GLU A 1 -12.81 27.80 4.90
N ASP A 2 -12.32 27.17 5.95
CA ASP A 2 -11.62 25.90 5.87
C ASP A 2 -12.40 24.72 5.29
N ILE A 3 -11.71 23.92 4.50
CA ILE A 3 -12.26 22.71 3.90
C ILE A 3 -11.69 21.50 4.63
N LYS A 4 -12.55 20.73 5.26
CA LYS A 4 -12.11 19.55 6.01
C LYS A 4 -11.97 18.29 5.15
N VAL A 5 -10.83 17.64 5.31
CA VAL A 5 -10.49 16.40 4.58
C VAL A 5 -10.04 15.36 5.61
N ALA A 6 -10.73 14.23 5.65
CA ALA A 6 -10.37 13.17 6.58
C ALA A 6 -9.15 12.42 6.04
N VAL A 7 -8.16 12.15 6.89
CA VAL A 7 -7.01 11.35 6.50
C VAL A 7 -7.12 10.14 7.46
N VAL A 8 -7.43 8.99 6.88
CA VAL A 8 -7.69 7.77 7.64
C VAL A 8 -6.72 6.63 7.36
N GLY A 9 -6.17 6.07 8.43
CA GLY A 9 -5.23 4.97 8.30
C GLY A 9 -4.82 4.37 9.62
N ALA A 10 -3.83 3.48 9.59
CA ALA A 10 -3.37 2.83 10.81
C ALA A 10 -2.45 3.76 11.60
N MET A 11 -3.00 4.49 12.57
CA MET A 11 -2.21 5.42 13.39
C MET A 11 -1.79 4.74 14.69
N SER A 12 -2.17 3.48 14.84
CA SER A 12 -1.81 2.68 16.00
C SER A 12 -1.92 1.24 15.55
N GLY A 13 -1.52 0.31 16.41
CA GLY A 13 -1.61 -1.10 16.05
C GLY A 13 -0.36 -1.62 15.42
N PRO A 14 -0.37 -2.91 15.04
CA PRO A 14 0.76 -3.59 14.41
C PRO A 14 1.31 -2.99 13.14
N VAL A 15 0.47 -2.36 12.33
CA VAL A 15 0.99 -1.79 11.10
C VAL A 15 0.95 -0.24 11.07
N ALA A 16 1.15 0.37 12.24
CA ALA A 16 1.18 1.83 12.38
C ALA A 16 2.13 2.48 11.38
N GLN A 17 3.16 1.74 10.95
CA GLN A 17 4.08 2.29 9.98
C GLN A 17 3.34 2.80 8.73
N TYR A 18 2.28 2.10 8.30
CA TYR A 18 1.54 2.53 7.13
C TYR A 18 0.93 3.92 7.38
N GLY A 19 0.30 4.09 8.54
CA GLY A 19 -0.29 5.37 8.91
C GLY A 19 0.74 6.50 9.00
N ASP A 20 1.95 6.18 9.45
CA ASP A 20 3.02 7.16 9.56
C ASP A 20 3.37 7.70 8.19
N GLN A 21 3.52 6.82 7.22
CA GLN A 21 3.84 7.24 5.86
C GLN A 21 2.71 8.10 5.33
N GLU A 22 1.49 7.62 5.52
CA GLU A 22 0.32 8.34 5.06
C GLU A 22 0.22 9.75 5.62
N PHE A 23 0.32 9.89 6.94
CA PHE A 23 0.18 11.21 7.53
C PHE A 23 1.30 12.16 7.11
N THR A 24 2.53 11.65 7.03
CA THR A 24 3.66 12.46 6.60
C THR A 24 3.37 13.04 5.22
N GLY A 25 2.92 12.20 4.29
CA GLY A 25 2.60 12.69 2.95
C GLY A 25 1.46 13.69 2.92
N ALA A 26 0.42 13.41 3.69
CA ALA A 26 -0.74 14.27 3.76
C ALA A 26 -0.40 15.63 4.35
N GLU A 27 0.34 15.60 5.45
CA GLU A 27 0.73 16.82 6.12
C GLU A 27 1.53 17.77 5.20
N GLN A 28 2.51 17.23 4.47
CA GLN A 28 3.33 18.05 3.60
C GLN A 28 2.51 18.58 2.41
N ALA A 29 1.64 17.74 1.84
CA ALA A 29 0.81 18.18 0.71
C ALA A 29 -0.10 19.30 1.15
N VAL A 30 -0.75 19.16 2.30
CA VAL A 30 -1.65 20.20 2.75
C VAL A 30 -0.87 21.50 3.03
N ALA A 31 0.30 21.39 3.65
CA ALA A 31 1.10 22.58 3.90
C ALA A 31 1.48 23.24 2.56
N ASP A 32 1.92 22.44 1.59
CA ASP A 32 2.32 22.97 0.30
C ASP A 32 1.17 23.64 -0.43
N ILE A 33 0.01 22.98 -0.43
CA ILE A 33 -1.18 23.50 -1.08
C ILE A 33 -1.66 24.79 -0.44
N ASN A 34 -1.74 24.83 0.90
CA ASN A 34 -2.17 26.04 1.57
C ASN A 34 -1.21 27.22 1.41
N ALA A 35 0.09 26.94 1.28
CA ALA A 35 1.09 27.99 1.13
C ALA A 35 0.88 28.66 -0.22
N LYS A 36 0.37 27.89 -1.19
CA LYS A 36 0.12 28.41 -2.52
C LYS A 36 -1.27 29.03 -2.65
N GLY A 37 -1.99 29.15 -1.53
CA GLY A 37 -3.30 29.76 -1.60
C GLY A 37 -4.51 28.87 -1.33
N GLY A 38 -4.29 27.60 -1.04
CA GLY A 38 -5.43 26.73 -0.75
C GLY A 38 -6.29 26.48 -1.98
N ILE A 39 -7.60 26.32 -1.77
CA ILE A 39 -8.51 26.11 -2.88
C ILE A 39 -9.21 27.44 -3.07
N LYS A 40 -8.76 28.22 -4.05
CA LYS A 40 -9.33 29.55 -4.30
C LYS A 40 -9.35 30.36 -2.99
N GLY A 41 -8.20 30.41 -2.33
CA GLY A 41 -8.13 31.15 -1.08
C GLY A 41 -8.62 30.39 0.13
N ASN A 42 -9.30 29.26 -0.07
CA ASN A 42 -9.80 28.46 1.06
C ASN A 42 -8.75 27.45 1.52
N LYS A 43 -8.48 27.45 2.81
CA LYS A 43 -7.48 26.56 3.37
C LYS A 43 -8.00 25.13 3.56
N LEU A 44 -7.12 24.15 3.36
CA LEU A 44 -7.50 22.76 3.56
C LEU A 44 -7.05 22.35 4.95
N GLN A 45 -7.88 21.59 5.65
CA GLN A 45 -7.43 21.09 6.92
C GLN A 45 -7.74 19.61 7.11
N ILE A 46 -6.70 18.91 7.51
CA ILE A 46 -6.70 17.47 7.74
C ILE A 46 -7.34 17.14 9.06
N VAL A 47 -8.16 16.10 9.07
CA VAL A 47 -8.78 15.61 10.30
C VAL A 47 -8.32 14.16 10.29
N LYS A 48 -7.45 13.85 11.23
CA LYS A 48 -6.85 12.52 11.39
C LYS A 48 -7.79 11.51 12.08
N TYR A 49 -7.92 10.32 11.50
CA TYR A 49 -8.75 9.25 12.08
C TYR A 49 -7.91 7.97 12.09
N ASP A 50 -7.90 7.28 13.21
CA ASP A 50 -7.13 6.04 13.32
C ASP A 50 -8.10 4.84 13.14
N ASP A 51 -7.86 4.00 12.13
CA ASP A 51 -8.72 2.83 11.99
C ASP A 51 -7.92 1.57 12.38
N ALA A 52 -6.65 1.77 12.75
CA ALA A 52 -5.72 0.71 13.17
C ALA A 52 -5.63 -0.43 12.16
N CYS A 53 -6.07 -0.19 10.92
CA CYS A 53 -6.14 -1.24 9.90
C CYS A 53 -6.92 -2.43 10.47
N ASP A 54 -7.96 -2.13 11.24
CA ASP A 54 -8.82 -3.17 11.81
C ASP A 54 -10.20 -2.99 11.18
N PRO A 55 -10.71 -4.03 10.47
CA PRO A 55 -12.02 -3.87 9.84
C PRO A 55 -13.15 -3.28 10.69
N LYS A 56 -13.32 -3.76 11.92
CA LYS A 56 -14.39 -3.24 12.74
C LYS A 56 -14.21 -1.76 13.06
N GLN A 57 -12.97 -1.37 13.34
CA GLN A 57 -12.70 0.01 13.67
C GLN A 57 -12.81 0.90 12.42
N ALA A 58 -12.52 0.36 11.24
CA ALA A 58 -12.62 1.13 9.99
C ALA A 58 -14.11 1.45 9.75
N VAL A 59 -14.98 0.51 10.09
CA VAL A 59 -16.41 0.72 9.93
C VAL A 59 -16.85 1.81 10.92
N ALA A 60 -16.28 1.79 12.13
CA ALA A 60 -16.64 2.81 13.13
C ALA A 60 -16.16 4.18 12.67
N VAL A 61 -14.98 4.19 12.07
CA VAL A 61 -14.42 5.45 11.59
C VAL A 61 -15.25 6.00 10.42
N ALA A 62 -15.64 5.14 9.48
CA ALA A 62 -16.44 5.59 8.35
C ALA A 62 -17.74 6.28 8.85
N ASN A 63 -18.41 5.64 9.80
CA ASN A 63 -19.64 6.20 10.34
C ASN A 63 -19.36 7.51 11.04
N LYS A 64 -18.25 7.62 11.75
CA LYS A 64 -17.89 8.85 12.44
C LYS A 64 -17.61 10.00 11.44
N VAL A 65 -16.92 9.67 10.34
CA VAL A 65 -16.64 10.68 9.32
C VAL A 65 -17.94 11.23 8.75
N VAL A 66 -18.88 10.34 8.49
CA VAL A 66 -20.14 10.76 7.93
C VAL A 66 -20.81 11.68 8.95
N ASN A 67 -20.86 11.20 10.20
CA ASN A 67 -21.48 11.96 11.27
C ASN A 67 -20.78 13.29 11.54
N ASP A 68 -19.48 13.36 11.29
CA ASP A 68 -18.74 14.61 11.53
C ASP A 68 -18.96 15.58 10.37
N GLY A 69 -19.76 15.18 9.40
CA GLY A 69 -20.01 16.04 8.25
C GLY A 69 -18.89 16.20 7.22
N ILE A 70 -17.86 15.36 7.27
CA ILE A 70 -16.77 15.46 6.30
C ILE A 70 -17.20 14.74 5.00
N LYS A 71 -16.90 15.32 3.84
CA LYS A 71 -17.33 14.75 2.57
C LYS A 71 -16.21 14.17 1.69
N TYR A 72 -14.97 14.31 2.12
CA TYR A 72 -13.84 13.82 1.35
C TYR A 72 -12.93 13.07 2.30
N VAL A 73 -12.57 11.86 1.90
CA VAL A 73 -11.73 10.99 2.71
C VAL A 73 -10.49 10.60 1.94
N ILE A 74 -9.33 10.89 2.52
CA ILE A 74 -8.10 10.45 1.92
C ILE A 74 -7.79 9.22 2.72
N GLY A 75 -7.96 8.09 2.08
CA GLY A 75 -7.65 6.96 2.86
C GLY A 75 -8.44 5.71 2.81
N HIS A 76 -8.11 5.36 4.07
CA HIS A 76 -7.97 4.00 4.59
C HIS A 76 -6.96 3.24 3.72
N LEU A 77 -6.18 2.42 4.39
CA LEU A 77 -4.98 1.86 3.82
C LEU A 77 -5.10 0.36 3.54
N CYS A 78 -5.41 -0.43 4.57
CA CYS A 78 -5.54 -1.88 4.39
C CYS A 78 -6.79 -2.25 3.61
N SER A 79 -6.66 -3.20 2.69
CA SER A 79 -7.80 -3.60 1.87
C SER A 79 -8.99 -4.07 2.67
N SER A 80 -8.76 -4.90 3.68
CA SER A 80 -9.90 -5.45 4.42
C SER A 80 -10.58 -4.42 5.30
N SER A 81 -9.91 -3.27 5.52
CA SER A 81 -10.49 -2.17 6.29
C SER A 81 -11.13 -1.16 5.32
N THR A 82 -10.47 -0.94 4.20
CA THR A 82 -10.95 0.00 3.20
C THR A 82 -12.25 -0.43 2.53
N GLN A 83 -12.43 -1.72 2.31
CA GLN A 83 -13.63 -2.18 1.62
C GLN A 83 -14.93 -1.99 2.39
N PRO A 84 -14.98 -2.40 3.66
CA PRO A 84 -16.24 -2.18 4.37
C PRO A 84 -16.48 -0.68 4.57
N ALA A 85 -15.40 0.09 4.67
CA ALA A 85 -15.59 1.53 4.84
C ALA A 85 -16.16 2.12 3.54
N SER A 86 -15.64 1.69 2.39
CA SER A 86 -16.14 2.19 1.10
C SER A 86 -17.66 1.92 0.96
N ASP A 87 -18.17 0.84 1.54
CA ASP A 87 -19.61 0.54 1.43
C ASP A 87 -20.42 1.63 2.07
N ILE A 88 -19.92 2.16 3.18
CA ILE A 88 -20.60 3.25 3.88
C ILE A 88 -20.45 4.55 3.08
N TYR A 89 -19.24 4.86 2.64
CA TYR A 89 -18.98 6.08 1.89
C TYR A 89 -19.84 6.15 0.62
N GLU A 90 -19.93 5.05 -0.11
CA GLU A 90 -20.74 5.04 -1.33
C GLU A 90 -22.22 5.27 -0.95
N ASP A 91 -22.72 4.63 0.09
CA ASP A 91 -24.11 4.81 0.54
C ASP A 91 -24.39 6.24 1.07
N GLU A 92 -23.35 6.89 1.59
CA GLU A 92 -23.56 8.19 2.17
C GLU A 92 -23.11 9.40 1.34
N GLY A 93 -22.69 9.16 0.09
CA GLY A 93 -22.25 10.26 -0.76
C GLY A 93 -20.93 10.89 -0.34
N ILE A 94 -20.01 10.06 0.17
CA ILE A 94 -18.71 10.56 0.61
C ILE A 94 -17.63 10.12 -0.38
N LEU A 95 -16.82 11.06 -0.85
CA LEU A 95 -15.73 10.73 -1.75
C LEU A 95 -14.59 10.04 -0.99
N MET A 96 -14.10 8.93 -1.53
CA MET A 96 -12.98 8.23 -0.88
C MET A 96 -11.83 7.92 -1.84
N ILE A 97 -10.65 8.47 -1.57
CA ILE A 97 -9.49 8.19 -2.41
C ILE A 97 -8.46 7.42 -1.59
N THR A 98 -8.28 6.12 -1.84
CA THR A 98 -7.27 5.37 -1.07
C THR A 98 -5.89 5.44 -1.72
N PRO A 99 -4.87 5.77 -0.91
CA PRO A 99 -3.49 5.87 -1.40
C PRO A 99 -2.74 4.55 -1.17
N ALA A 100 -3.43 3.52 -0.68
CA ALA A 100 -2.73 2.26 -0.41
C ALA A 100 -3.46 0.92 -0.58
N ALA A 101 -4.78 0.91 -0.60
CA ALA A 101 -5.52 -0.36 -0.75
C ALA A 101 -5.36 -0.90 -2.17
N THR A 102 -4.89 -2.15 -2.27
CA THR A 102 -4.64 -2.74 -3.59
C THR A 102 -5.51 -3.91 -4.06
N ALA A 103 -6.32 -4.48 -3.17
CA ALA A 103 -7.17 -5.62 -3.55
C ALA A 103 -8.14 -5.17 -4.66
N PRO A 104 -8.22 -5.95 -5.75
CA PRO A 104 -9.10 -5.61 -6.87
C PRO A 104 -10.58 -5.46 -6.59
N GLU A 105 -11.09 -6.24 -5.64
CA GLU A 105 -12.51 -6.20 -5.34
C GLU A 105 -13.04 -4.84 -4.90
N LEU A 106 -12.21 -4.02 -4.29
CA LEU A 106 -12.66 -2.72 -3.84
C LEU A 106 -13.33 -1.95 -4.99
N THR A 107 -12.75 -2.02 -6.19
CA THR A 107 -13.30 -1.28 -7.31
C THR A 107 -14.01 -2.10 -8.35
N ALA A 108 -14.38 -3.34 -8.01
CA ALA A 108 -15.06 -4.21 -8.96
C ALA A 108 -16.54 -4.34 -8.63
N ARG A 109 -17.09 -3.38 -7.89
CA ARG A 109 -18.51 -3.50 -7.49
C ARG A 109 -19.44 -2.38 -7.93
N GLY A 110 -19.03 -1.61 -8.92
CA GLY A 110 -19.89 -0.55 -9.42
C GLY A 110 -19.91 0.76 -8.67
N TYR A 111 -19.05 0.90 -7.67
CA TYR A 111 -19.04 2.15 -6.91
C TYR A 111 -18.48 3.31 -7.72
N GLN A 112 -19.14 4.46 -7.57
CA GLN A 112 -18.76 5.66 -8.31
C GLN A 112 -17.94 6.69 -7.53
N LEU A 113 -17.92 6.60 -6.20
CA LEU A 113 -17.19 7.57 -5.40
C LEU A 113 -15.86 7.08 -4.86
N ILE A 114 -15.39 5.94 -5.36
CA ILE A 114 -14.13 5.37 -4.89
C ILE A 114 -13.00 5.45 -5.92
N LEU A 115 -11.82 5.96 -5.52
CA LEU A 115 -10.67 6.02 -6.43
C LEU A 115 -9.41 5.63 -5.69
N ARG A 116 -8.35 5.36 -6.44
CA ARG A 116 -7.07 5.01 -5.80
C ARG A 116 -5.91 5.82 -6.39
N THR A 117 -4.85 5.99 -5.59
CA THR A 117 -3.62 6.56 -6.09
C THR A 117 -2.51 5.50 -5.95
N THR A 118 -2.92 4.24 -5.93
CA THR A 118 -1.96 3.13 -5.92
C THR A 118 -2.51 2.12 -6.94
N GLY A 119 -1.71 1.09 -7.24
CA GLY A 119 -2.11 0.08 -8.20
C GLY A 119 -3.02 -1.03 -7.67
N LEU A 120 -3.11 -2.10 -8.46
CA LEU A 120 -3.93 -3.28 -8.19
C LEU A 120 -3.13 -4.57 -8.05
N ASP A 121 -3.56 -5.44 -7.16
CA ASP A 121 -2.86 -6.69 -6.98
C ASP A 121 -3.05 -7.61 -8.16
N SER A 122 -3.99 -7.28 -9.05
CA SER A 122 -4.18 -8.08 -10.24
C SER A 122 -3.02 -7.73 -11.20
N ASP A 123 -2.19 -6.76 -10.81
CA ASP A 123 -1.00 -6.39 -11.56
C ASP A 123 0.22 -6.75 -10.69
N GLN A 124 0.15 -6.46 -9.39
CA GLN A 124 1.27 -6.75 -8.49
C GLN A 124 1.58 -8.26 -8.40
N GLY A 125 0.55 -9.10 -8.33
CA GLY A 125 0.74 -10.53 -8.26
C GLY A 125 1.45 -11.06 -9.51
N PRO A 126 0.92 -10.80 -10.71
CA PRO A 126 1.59 -11.29 -11.94
C PRO A 126 3.01 -10.77 -12.10
N THR A 127 3.26 -9.54 -11.65
CA THR A 127 4.60 -8.98 -11.76
C THR A 127 5.59 -9.86 -10.96
N ALA A 128 5.16 -10.28 -9.78
CA ALA A 128 6.00 -11.13 -8.94
C ALA A 128 6.17 -12.48 -9.63
N ALA A 129 5.06 -13.09 -10.04
CA ALA A 129 5.10 -14.40 -10.70
C ALA A 129 6.07 -14.39 -11.87
N LYS A 130 5.88 -13.42 -12.77
CA LYS A 130 6.73 -13.27 -13.95
C LYS A 130 8.20 -13.18 -13.58
N TYR A 131 8.53 -12.36 -12.59
CA TYR A 131 9.91 -12.20 -12.15
C TYR A 131 10.50 -13.52 -11.64
N ILE A 132 9.72 -14.24 -10.86
CA ILE A 132 10.17 -15.51 -10.30
C ILE A 132 10.42 -16.49 -11.44
N LEU A 133 9.51 -16.53 -12.42
CA LEU A 133 9.65 -17.43 -13.54
C LEU A 133 10.81 -17.09 -14.48
N GLU A 134 11.08 -15.81 -14.66
CA GLU A 134 12.13 -15.39 -15.59
C GLU A 134 13.50 -15.11 -15.00
N LYS A 135 13.54 -14.48 -13.84
CA LYS A 135 14.82 -14.14 -13.25
C LYS A 135 15.25 -15.06 -12.13
N VAL A 136 14.33 -15.45 -11.25
CA VAL A 136 14.74 -16.30 -10.12
C VAL A 136 14.92 -17.76 -10.49
N LYS A 137 13.95 -18.33 -11.18
CA LYS A 137 13.98 -19.73 -11.57
C LYS A 137 14.32 -20.65 -10.39
N PRO A 138 13.50 -20.62 -9.33
CA PRO A 138 13.75 -21.46 -8.16
C PRO A 138 13.28 -22.89 -8.47
N GLN A 139 13.69 -23.85 -7.66
CA GLN A 139 13.30 -25.24 -7.88
C GLN A 139 12.15 -25.73 -7.00
N ARG A 140 12.15 -25.33 -5.74
CA ARG A 140 11.14 -25.79 -4.81
C ARG A 140 10.54 -24.61 -4.07
N ILE A 141 9.37 -24.21 -4.52
CA ILE A 141 8.67 -23.05 -3.99
C ILE A 141 7.56 -23.35 -2.96
N ALA A 142 7.42 -22.47 -1.99
CA ALA A 142 6.32 -22.57 -1.04
C ALA A 142 5.69 -21.16 -1.05
N ILE A 143 4.37 -21.10 -0.90
CA ILE A 143 3.67 -19.82 -0.87
C ILE A 143 2.92 -19.73 0.47
N VAL A 144 3.15 -18.66 1.21
CA VAL A 144 2.57 -18.45 2.51
C VAL A 144 1.82 -17.11 2.51
N HIS A 145 0.76 -17.02 3.30
CA HIS A 145 -0.02 -15.78 3.38
C HIS A 145 -0.63 -15.67 4.79
N ASP A 146 -1.24 -14.52 5.07
CA ASP A 146 -1.81 -14.32 6.41
C ASP A 146 -3.31 -14.39 6.46
N LYS A 147 -3.92 -15.04 5.48
CA LYS A 147 -5.37 -15.22 5.42
C LYS A 147 -6.21 -13.95 5.26
N GLN A 148 -5.59 -12.81 5.01
CA GLN A 148 -6.36 -11.57 4.84
C GLN A 148 -6.54 -11.29 3.36
N GLN A 149 -7.56 -10.49 3.05
CA GLN A 149 -7.88 -10.18 1.66
C GLN A 149 -6.65 -9.82 0.83
N TYR A 150 -5.84 -8.92 1.35
CA TYR A 150 -4.62 -8.48 0.66
C TYR A 150 -3.62 -9.61 0.45
N GLY A 151 -3.10 -10.15 1.54
CA GLY A 151 -2.09 -11.18 1.45
C GLY A 151 -2.51 -12.45 0.77
N GLU A 152 -3.67 -12.97 1.13
CA GLU A 152 -4.13 -14.22 0.51
C GLU A 152 -4.47 -13.99 -0.97
N GLY A 153 -4.94 -12.78 -1.29
CA GLY A 153 -5.26 -12.46 -2.68
C GLY A 153 -4.00 -12.49 -3.52
N LEU A 154 -2.92 -11.87 -3.05
CA LEU A 154 -1.64 -11.87 -3.78
C LEU A 154 -1.07 -13.28 -3.85
N ALA A 155 -1.16 -14.01 -2.75
CA ALA A 155 -0.66 -15.38 -2.70
C ALA A 155 -1.35 -16.24 -3.77
N ARG A 156 -2.67 -16.12 -3.89
CA ARG A 156 -3.41 -16.89 -4.90
C ARG A 156 -3.00 -16.47 -6.31
N ALA A 157 -2.79 -15.17 -6.52
CA ALA A 157 -2.39 -14.66 -7.84
C ALA A 157 -1.01 -15.19 -8.22
N VAL A 158 -0.10 -15.21 -7.25
CA VAL A 158 1.23 -15.73 -7.54
C VAL A 158 1.17 -17.24 -7.80
N GLN A 159 0.37 -17.97 -7.04
CA GLN A 159 0.25 -19.41 -7.24
C GLN A 159 -0.27 -19.70 -8.66
N ASP A 160 -1.28 -18.95 -9.07
CA ASP A 160 -1.85 -19.16 -10.39
C ASP A 160 -0.83 -18.86 -11.49
N GLY A 161 -0.07 -17.79 -11.35
CA GLY A 161 0.93 -17.47 -12.34
C GLY A 161 2.07 -18.49 -12.37
N LEU A 162 2.44 -19.00 -11.19
CA LEU A 162 3.51 -19.99 -11.14
C LEU A 162 3.05 -21.33 -11.72
N LYS A 163 1.82 -21.73 -11.40
CA LYS A 163 1.28 -22.99 -11.92
C LYS A 163 1.26 -22.90 -13.44
N LYS A 164 0.79 -21.78 -13.94
CA LYS A 164 0.70 -21.56 -15.36
C LYS A 164 2.09 -21.69 -16.01
N GLY A 165 3.14 -21.29 -15.29
CA GLY A 165 4.48 -21.40 -15.85
C GLY A 165 5.18 -22.69 -15.45
N ASN A 166 4.42 -23.68 -15.00
CA ASN A 166 4.96 -24.99 -14.59
C ASN A 166 5.99 -24.96 -13.48
N ALA A 167 5.85 -24.06 -12.52
CA ALA A 167 6.80 -24.03 -11.41
C ALA A 167 6.36 -25.11 -10.44
N ASN A 168 7.28 -25.55 -9.58
CA ASN A 168 6.99 -26.59 -8.59
C ASN A 168 6.67 -25.96 -7.23
N VAL A 169 5.39 -25.76 -6.96
CA VAL A 169 4.93 -25.19 -5.69
C VAL A 169 4.69 -26.39 -4.76
N VAL A 170 5.56 -26.57 -3.77
CA VAL A 170 5.48 -27.68 -2.84
C VAL A 170 4.33 -27.53 -1.84
N PHE A 171 4.05 -26.30 -1.41
CA PHE A 171 2.89 -26.08 -0.54
C PHE A 171 2.42 -24.65 -0.55
N PHE A 172 1.14 -24.49 -0.24
CA PHE A 172 0.48 -23.20 -0.18
C PHE A 172 -0.30 -23.27 1.15
N ASP A 173 -0.07 -22.33 2.04
CA ASP A 173 -0.77 -22.37 3.32
C ASP A 173 -0.74 -21.02 4.02
N GLY A 174 -1.71 -20.79 4.89
CA GLY A 174 -1.76 -19.52 5.58
C GLY A 174 -1.28 -19.63 7.01
N ILE A 175 -0.90 -18.48 7.59
CA ILE A 175 -0.49 -18.40 9.00
C ILE A 175 -1.39 -17.28 9.56
N THR A 176 -1.37 -17.09 10.90
CA THR A 176 -2.28 -16.09 11.48
C THR A 176 -1.53 -14.79 11.76
N ALA A 177 -2.17 -13.70 11.31
CA ALA A 177 -1.58 -12.38 11.53
C ALA A 177 -1.45 -12.24 13.04
N GLY A 178 -0.30 -11.74 13.50
CA GLY A 178 -0.09 -11.58 14.91
C GLY A 178 0.85 -12.67 15.43
N GLU A 179 0.93 -13.78 14.71
CA GLU A 179 1.81 -14.89 15.10
C GLU A 179 3.28 -14.48 15.17
N LYS A 180 3.98 -14.92 16.22
CA LYS A 180 5.40 -14.62 16.36
C LYS A 180 6.24 -15.91 16.35
N ASP A 181 5.59 -17.04 16.56
CA ASP A 181 6.27 -18.32 16.57
C ASP A 181 6.08 -19.03 15.23
N PHE A 182 7.10 -18.97 14.39
CA PHE A 182 7.03 -19.61 13.08
C PHE A 182 7.88 -20.88 13.01
N SER A 183 8.11 -21.50 14.17
CA SER A 183 8.93 -22.69 14.24
C SER A 183 8.44 -23.82 13.34
N THR A 184 7.15 -24.12 13.31
CA THR A 184 6.71 -25.21 12.43
C THR A 184 6.91 -24.83 10.97
N LEU A 185 6.76 -23.53 10.65
CA LEU A 185 6.95 -23.10 9.27
C LEU A 185 8.40 -23.28 8.85
N VAL A 186 9.30 -22.75 9.69
CA VAL A 186 10.71 -22.87 9.46
C VAL A 186 11.12 -24.33 9.32
N ALA A 187 10.56 -25.20 10.16
CA ALA A 187 10.89 -26.62 10.11
C ALA A 187 10.41 -27.24 8.80
N ARG A 188 9.24 -26.82 8.32
CA ARG A 188 8.69 -27.40 7.09
C ARG A 188 9.53 -26.94 5.91
N LEU A 189 9.95 -25.67 5.93
CA LEU A 189 10.76 -25.15 4.83
C LEU A 189 12.08 -25.94 4.78
N LYS A 190 12.62 -26.23 5.96
CA LYS A 190 13.87 -26.98 6.06
C LYS A 190 13.66 -28.43 5.60
N LYS A 191 12.69 -29.11 6.19
CA LYS A 191 12.41 -30.49 5.84
C LYS A 191 12.10 -30.72 4.35
N GLU A 192 11.31 -29.82 3.76
CA GLU A 192 10.97 -29.97 2.34
C GLU A 192 11.93 -29.29 1.38
N ASN A 193 13.10 -28.90 1.89
CA ASN A 193 14.14 -28.26 1.08
C ASN A 193 13.64 -27.12 0.17
N ILE A 194 12.90 -26.17 0.75
CA ILE A 194 12.34 -25.06 0.00
C ILE A 194 13.40 -24.00 -0.26
N ASP A 195 13.66 -23.71 -1.53
CA ASP A 195 14.68 -22.69 -1.85
C ASP A 195 14.07 -21.30 -2.10
N PHE A 196 12.74 -21.25 -2.26
CA PHE A 196 12.07 -19.97 -2.52
C PHE A 196 10.69 -19.87 -1.89
N VAL A 197 10.41 -18.75 -1.24
CA VAL A 197 9.12 -18.50 -0.60
C VAL A 197 8.56 -17.13 -0.99
N TYR A 198 7.29 -17.11 -1.40
CA TYR A 198 6.63 -15.84 -1.66
C TYR A 198 5.67 -15.71 -0.46
N TYR A 199 5.74 -14.59 0.26
CA TYR A 199 4.86 -14.34 1.39
C TYR A 199 3.89 -13.20 1.06
N GLY A 200 2.60 -13.47 1.06
CA GLY A 200 1.62 -12.43 0.79
C GLY A 200 1.14 -11.93 2.12
N GLY A 201 1.54 -10.69 2.47
CA GLY A 201 1.13 -10.14 3.75
C GLY A 201 1.83 -8.84 4.10
N TYR A 202 1.88 -8.54 5.40
CA TYR A 202 2.47 -7.32 5.92
C TYR A 202 3.79 -7.54 6.65
N HIS A 203 4.52 -6.45 6.93
CA HIS A 203 5.84 -6.57 7.55
C HIS A 203 5.99 -7.21 8.93
N PRO A 204 5.01 -7.07 9.84
CA PRO A 204 5.27 -7.73 11.12
C PRO A 204 5.53 -9.23 10.99
N GLU A 205 4.69 -9.92 10.20
CA GLU A 205 4.85 -11.35 10.00
C GLU A 205 6.09 -11.64 9.18
N MET A 206 6.27 -10.94 8.07
CA MET A 206 7.44 -11.18 7.23
C MET A 206 8.76 -11.00 8.01
N GLY A 207 8.81 -10.01 8.88
CA GLY A 207 10.03 -9.76 9.64
C GLY A 207 10.40 -10.92 10.53
N GLN A 208 9.41 -11.50 11.20
CA GLN A 208 9.69 -12.64 12.07
C GLN A 208 10.02 -13.90 11.27
N ILE A 209 9.36 -14.07 10.14
CA ILE A 209 9.63 -15.23 9.32
C ILE A 209 11.09 -15.17 8.88
N LEU A 210 11.53 -13.98 8.47
CA LEU A 210 12.91 -13.83 8.00
C LEU A 210 13.97 -14.12 9.08
N ARG A 211 13.75 -13.58 10.28
CA ARG A 211 14.69 -13.76 11.37
C ARG A 211 14.85 -15.25 11.73
N GLN A 212 13.72 -15.90 11.98
CA GLN A 212 13.70 -17.30 12.35
C GLN A 212 14.23 -18.22 11.25
N ALA A 213 13.91 -17.91 10.00
CA ALA A 213 14.41 -18.72 8.91
C ALA A 213 15.96 -18.64 8.90
N ARG A 214 16.51 -17.42 9.00
CA ARG A 214 17.96 -17.27 9.01
C ARG A 214 18.59 -17.85 10.26
N ALA A 215 17.93 -17.70 11.41
CA ALA A 215 18.50 -18.26 12.62
C ALA A 215 18.63 -19.80 12.48
N ALA A 216 17.69 -20.41 11.75
CA ALA A 216 17.71 -21.87 11.54
C ALA A 216 18.68 -22.27 10.42
N GLY A 217 19.49 -21.33 9.94
CA GLY A 217 20.43 -21.67 8.90
C GLY A 217 19.88 -21.78 7.49
N LEU A 218 18.61 -21.46 7.30
CA LEU A 218 18.02 -21.53 5.96
C LEU A 218 18.60 -20.50 4.95
N LYS A 219 18.85 -20.94 3.73
CA LYS A 219 19.38 -20.06 2.70
C LYS A 219 18.25 -19.69 1.71
N THR A 220 17.03 -20.04 2.07
CA THR A 220 15.85 -19.77 1.24
C THR A 220 15.76 -18.31 0.80
N GLN A 221 15.37 -18.10 -0.46
CA GLN A 221 15.19 -16.75 -1.01
C GLN A 221 13.72 -16.37 -0.79
N PHE A 222 13.46 -15.25 -0.14
CA PHE A 222 12.09 -14.83 0.12
C PHE A 222 11.68 -13.67 -0.79
N MET A 223 10.38 -13.54 -1.03
CA MET A 223 9.85 -12.43 -1.83
C MET A 223 8.52 -12.00 -1.22
N GLY A 224 8.24 -10.70 -1.20
CA GLY A 224 6.99 -10.20 -0.64
C GLY A 224 6.48 -8.99 -1.39
N PRO A 225 5.22 -8.56 -1.18
CA PRO A 225 4.65 -7.39 -1.88
C PRO A 225 5.02 -6.06 -1.22
N GLU A 226 4.44 -4.95 -1.68
CA GLU A 226 4.81 -3.66 -1.10
C GLU A 226 4.50 -3.49 0.39
N GLY A 227 3.56 -4.27 0.93
CA GLY A 227 3.24 -4.17 2.34
C GLY A 227 4.40 -4.59 3.25
N VAL A 228 5.43 -5.14 2.62
CA VAL A 228 6.60 -5.65 3.34
C VAL A 228 7.85 -4.77 3.09
N ALA A 229 7.73 -3.88 2.14
CA ALA A 229 8.82 -3.02 1.73
C ALA A 229 8.87 -1.70 2.48
N ASN A 230 9.30 -1.75 3.74
CA ASN A 230 9.38 -0.53 4.53
C ASN A 230 10.41 -0.67 5.65
N VAL A 231 10.74 0.45 6.29
CA VAL A 231 11.74 0.43 7.34
C VAL A 231 11.38 -0.42 8.54
N SER A 232 10.11 -0.62 8.82
CA SER A 232 9.77 -1.44 9.96
C SER A 232 10.16 -2.90 9.70
N LEU A 233 10.11 -3.34 8.44
CA LEU A 233 10.54 -4.71 8.12
C LEU A 233 12.03 -4.81 8.48
N SER A 234 12.81 -3.84 8.02
CA SER A 234 14.26 -3.80 8.28
C SER A 234 14.59 -3.70 9.76
N ASN A 235 13.76 -3.00 10.52
CA ASN A 235 14.04 -2.88 11.93
C ASN A 235 13.78 -4.20 12.63
N ILE A 236 12.79 -4.94 12.17
CA ILE A 236 12.46 -6.22 12.80
C ILE A 236 13.44 -7.33 12.44
N ALA A 237 13.68 -7.49 11.14
CA ALA A 237 14.53 -8.53 10.61
C ALA A 237 16.01 -8.26 10.70
N GLY A 238 16.39 -7.00 10.77
CA GLY A 238 17.80 -6.67 10.81
C GLY A 238 18.47 -7.24 9.58
N GLU A 239 19.65 -7.82 9.77
CA GLU A 239 20.40 -8.38 8.65
C GLU A 239 19.64 -9.47 7.87
N SER A 240 18.63 -10.06 8.49
CA SER A 240 17.83 -11.09 7.81
C SER A 240 17.01 -10.56 6.64
N ALA A 241 16.91 -9.24 6.53
CA ALA A 241 16.17 -8.61 5.43
C ALA A 241 17.02 -8.44 4.18
N GLU A 242 18.35 -8.45 4.30
CA GLU A 242 19.13 -8.28 3.09
C GLU A 242 18.89 -9.49 2.22
N GLY A 243 18.70 -9.23 0.93
CA GLY A 243 18.46 -10.31 -0.01
C GLY A 243 17.00 -10.43 -0.39
N LEU A 244 16.12 -9.92 0.45
CA LEU A 244 14.69 -9.99 0.20
C LEU A 244 14.27 -9.35 -1.12
N LEU A 245 13.44 -10.05 -1.91
CA LEU A 245 12.95 -9.46 -3.15
C LEU A 245 11.60 -8.84 -2.81
N VAL A 246 11.27 -7.69 -3.39
CA VAL A 246 9.93 -7.11 -3.13
C VAL A 246 9.39 -6.46 -4.38
N THR A 247 8.06 -6.35 -4.47
CA THR A 247 7.42 -5.62 -5.55
C THR A 247 6.92 -4.38 -4.82
N LYS A 248 7.04 -3.20 -5.44
CA LYS A 248 6.57 -1.99 -4.81
C LYS A 248 6.54 -0.84 -5.81
N PRO A 249 5.84 0.25 -5.46
CA PRO A 249 5.78 1.40 -6.36
C PRO A 249 7.19 1.94 -6.56
N LYS A 250 7.38 2.65 -7.67
CA LYS A 250 8.66 3.28 -7.98
C LYS A 250 9.11 4.19 -6.83
N ASN A 251 10.42 4.46 -6.72
CA ASN A 251 10.93 5.34 -5.67
C ASN A 251 10.70 6.80 -6.08
N TYR A 252 9.51 7.32 -5.82
CA TYR A 252 9.19 8.70 -6.19
C TYR A 252 10.04 9.73 -5.48
N ASP A 253 10.57 9.38 -4.31
CA ASP A 253 11.43 10.30 -3.55
C ASP A 253 12.77 10.50 -4.27
N GLN A 254 13.02 9.72 -5.31
CA GLN A 254 14.26 9.87 -6.08
C GLN A 254 14.04 10.66 -7.36
N VAL A 255 12.79 11.07 -7.62
CA VAL A 255 12.52 11.88 -8.80
C VAL A 255 13.04 13.27 -8.45
N PRO A 256 13.97 13.80 -9.25
CA PRO A 256 14.59 15.13 -9.04
C PRO A 256 13.60 16.23 -8.70
N ALA A 257 12.53 16.33 -9.47
CA ALA A 257 11.53 17.36 -9.21
C ALA A 257 10.93 17.29 -7.79
N ASN A 258 10.94 16.11 -7.17
CA ASN A 258 10.36 15.97 -5.83
C ASN A 258 11.31 16.33 -4.67
N LYS A 259 12.55 16.61 -5.00
CA LYS A 259 13.54 16.92 -3.96
C LYS A 259 13.11 17.94 -2.92
N PRO A 260 12.47 19.05 -3.34
CA PRO A 260 12.04 20.05 -2.36
C PRO A 260 11.12 19.46 -1.33
N ILE A 261 10.29 18.52 -1.76
CA ILE A 261 9.35 17.89 -0.83
C ILE A 261 10.16 16.99 0.12
N VAL A 262 11.09 16.23 -0.46
CA VAL A 262 11.94 15.35 0.33
C VAL A 262 12.69 16.17 1.38
N ASP A 263 13.28 17.29 0.95
CA ASP A 263 14.05 18.15 1.87
C ASP A 263 13.16 18.77 2.93
N ALA A 264 11.92 19.08 2.58
CA ALA A 264 11.02 19.69 3.55
C ALA A 264 10.62 18.69 4.61
N ILE A 265 10.46 17.43 4.19
CA ILE A 265 10.09 16.39 5.14
C ILE A 265 11.27 16.02 6.04
N LYS A 266 12.45 15.86 5.45
CA LYS A 266 13.65 15.56 6.23
C LYS A 266 13.86 16.70 7.21
N ALA A 267 13.65 17.92 6.72
CA ALA A 267 13.77 19.11 7.55
C ALA A 267 12.90 19.02 8.81
N LYS A 268 11.85 18.21 8.77
CA LYS A 268 10.97 18.07 9.94
C LYS A 268 11.34 16.79 10.73
N LYS A 269 12.44 16.15 10.36
CA LYS A 269 12.87 14.89 10.99
C LYS A 269 11.84 13.77 10.78
N GLN A 270 11.26 13.74 9.58
CA GLN A 270 10.27 12.72 9.23
C GLN A 270 10.87 11.87 8.12
N ASP A 271 10.29 10.72 7.87
CA ASP A 271 10.83 9.83 6.86
C ASP A 271 10.08 10.02 5.54
N PRO A 272 10.78 10.47 4.50
CA PRO A 272 10.15 10.67 3.20
C PRO A 272 10.37 9.52 2.24
N SER A 273 10.93 8.42 2.73
CA SER A 273 11.22 7.29 1.87
C SER A 273 10.09 6.30 1.60
N GLY A 274 9.09 6.23 2.48
CA GLY A 274 8.00 5.28 2.28
C GLY A 274 7.07 5.60 1.11
N ALA A 275 6.72 4.58 0.34
CA ALA A 275 5.86 4.78 -0.83
C ALA A 275 4.55 5.49 -0.51
N PHE A 276 3.95 5.25 0.67
CA PHE A 276 2.67 5.89 0.94
C PHE A 276 2.77 7.36 1.25
N VAL A 277 4.00 7.84 1.41
CA VAL A 277 4.19 9.28 1.63
C VAL A 277 3.78 9.92 0.30
N TRP A 278 4.28 9.34 -0.80
CA TRP A 278 4.04 9.81 -2.15
C TRP A 278 2.65 9.52 -2.74
N THR A 279 2.11 8.32 -2.50
CA THR A 279 0.77 8.03 -3.02
C THR A 279 -0.25 8.87 -2.27
N THR A 280 0.05 9.19 -1.01
CA THR A 280 -0.87 10.01 -0.22
C THR A 280 -0.76 11.45 -0.64
N TYR A 281 0.48 11.93 -0.83
CA TYR A 281 0.65 13.32 -1.27
C TYR A 281 -0.14 13.45 -2.59
N ALA A 282 0.06 12.49 -3.49
CA ALA A 282 -0.61 12.50 -4.79
C ALA A 282 -2.14 12.50 -4.65
N ALA A 283 -2.66 11.79 -3.66
CA ALA A 283 -4.11 11.76 -3.46
C ALA A 283 -4.62 13.15 -3.07
N LEU A 284 -3.87 13.87 -2.23
CA LEU A 284 -4.27 15.22 -1.83
C LEU A 284 -4.26 16.14 -3.06
N GLN A 285 -3.27 15.93 -3.94
CA GLN A 285 -3.18 16.74 -5.16
C GLN A 285 -4.36 16.43 -6.08
N SER A 286 -4.83 15.19 -6.06
CA SER A 286 -5.96 14.78 -6.89
C SER A 286 -7.20 15.43 -6.31
N LEU A 287 -7.35 15.36 -4.99
CA LEU A 287 -8.50 15.99 -4.35
C LEU A 287 -8.46 17.51 -4.64
N GLN A 288 -7.27 18.09 -4.61
CA GLN A 288 -7.12 19.52 -4.88
C GLN A 288 -7.65 19.89 -6.25
N ALA A 289 -7.25 19.14 -7.27
CA ALA A 289 -7.68 19.37 -8.65
C ALA A 289 -9.20 19.32 -8.71
N GLY A 290 -9.81 18.33 -8.06
CA GLY A 290 -11.26 18.27 -8.09
C GLY A 290 -11.95 19.37 -7.31
N LEU A 291 -11.44 19.73 -6.12
CA LEU A 291 -12.10 20.77 -5.32
C LEU A 291 -12.10 22.11 -6.06
N ASN A 292 -11.17 22.28 -6.98
CA ASN A 292 -11.12 23.49 -7.76
C ASN A 292 -12.25 23.56 -8.78
N GLN A 293 -12.87 22.40 -9.04
CA GLN A 293 -13.98 22.35 -9.98
C GLN A 293 -15.31 22.30 -9.26
N SER A 294 -15.37 21.56 -8.17
CA SER A 294 -16.63 21.38 -7.47
C SER A 294 -16.44 20.90 -6.05
N ASP A 295 -17.44 21.16 -5.20
CA ASP A 295 -17.36 20.66 -3.85
C ASP A 295 -18.19 19.38 -3.71
N ASP A 296 -18.88 18.96 -4.77
CA ASP A 296 -19.70 17.75 -4.69
C ASP A 296 -18.89 16.50 -4.97
N PRO A 297 -19.00 15.47 -4.10
CA PRO A 297 -18.24 14.23 -4.30
C PRO A 297 -18.41 13.53 -5.65
N ALA A 298 -19.64 13.39 -6.15
CA ALA A 298 -19.81 12.72 -7.42
C ALA A 298 -19.20 13.55 -8.55
N GLU A 299 -19.37 14.86 -8.52
CA GLU A 299 -18.75 15.70 -9.57
C GLU A 299 -17.22 15.61 -9.52
N ILE A 300 -16.65 15.57 -8.32
CA ILE A 300 -15.20 15.45 -8.22
C ILE A 300 -14.75 14.11 -8.85
N ALA A 301 -15.41 13.02 -8.49
CA ALA A 301 -15.02 11.73 -9.04
C ALA A 301 -15.15 11.72 -10.59
N LYS A 302 -16.23 12.31 -11.09
CA LYS A 302 -16.45 12.37 -12.53
C LYS A 302 -15.34 13.22 -13.21
N TYR A 303 -14.99 14.34 -12.56
CA TYR A 303 -13.95 15.23 -13.08
C TYR A 303 -12.59 14.51 -13.18
N LEU A 304 -12.21 13.83 -12.10
CA LEU A 304 -10.94 13.12 -12.08
C LEU A 304 -10.90 11.99 -13.10
N LYS A 305 -12.01 11.30 -13.31
CA LYS A 305 -12.01 10.22 -14.28
C LYS A 305 -11.88 10.76 -15.72
N ALA A 306 -12.34 11.98 -15.93
CA ALA A 306 -12.29 12.60 -17.26
C ALA A 306 -11.03 13.44 -17.52
N ASN A 307 -10.19 13.60 -16.50
CA ASN A 307 -8.99 14.43 -16.65
C ASN A 307 -7.79 13.95 -15.87
N SER A 308 -6.59 14.05 -16.45
CA SER A 308 -5.39 13.65 -15.72
C SER A 308 -5.08 14.75 -14.73
N VAL A 309 -4.37 14.38 -13.66
CA VAL A 309 -3.92 15.35 -12.69
C VAL A 309 -2.41 15.18 -12.52
N ASP A 310 -1.64 16.25 -12.61
CA ASP A 310 -0.19 16.11 -12.45
C ASP A 310 0.11 16.02 -10.96
N THR A 311 0.92 15.04 -10.56
CA THR A 311 1.22 14.88 -9.14
C THR A 311 2.68 14.52 -8.95
N VAL A 312 3.06 14.32 -7.70
CA VAL A 312 4.43 13.91 -7.37
C VAL A 312 4.74 12.53 -7.95
N MET A 313 3.70 11.82 -8.39
CA MET A 313 3.87 10.49 -8.97
C MET A 313 3.84 10.59 -10.48
N GLY A 314 3.81 11.81 -11.00
CA GLY A 314 3.70 12.00 -12.43
C GLY A 314 2.21 12.21 -12.73
N PRO A 315 1.82 12.31 -14.01
CA PRO A 315 0.39 12.52 -14.30
C PRO A 315 -0.45 11.27 -14.06
N LEU A 316 -1.51 11.42 -13.28
CA LEU A 316 -2.38 10.27 -13.03
C LEU A 316 -3.64 10.33 -13.90
N THR A 317 -4.12 9.16 -14.33
CA THR A 317 -5.33 9.08 -15.13
C THR A 317 -6.11 7.92 -14.54
N TRP A 318 -7.43 8.08 -14.41
CA TRP A 318 -8.28 7.01 -13.84
C TRP A 318 -9.27 6.41 -14.84
N ASP A 319 -9.62 5.14 -14.68
CA ASP A 319 -10.64 4.53 -15.56
C ASP A 319 -11.98 4.78 -14.86
N GLU A 320 -13.11 4.36 -15.42
CA GLU A 320 -14.43 4.63 -14.81
C GLU A 320 -14.71 4.00 -13.45
N LYS A 321 -13.94 3.00 -13.06
CA LYS A 321 -14.16 2.35 -11.76
C LYS A 321 -13.22 2.95 -10.69
N GLY A 322 -12.38 3.91 -11.07
CA GLY A 322 -11.51 4.56 -10.09
C GLY A 322 -10.06 4.07 -9.96
N ASP A 323 -9.63 3.22 -10.89
CA ASP A 323 -8.26 2.73 -10.82
C ASP A 323 -7.31 3.52 -11.71
N LEU A 324 -6.05 3.56 -11.31
CA LEU A 324 -5.02 4.27 -12.07
C LEU A 324 -4.69 3.46 -13.33
N LYS A 325 -4.68 4.13 -14.48
CA LYS A 325 -4.34 3.44 -15.72
C LYS A 325 -2.82 3.40 -15.83
N GLY A 326 -2.29 2.29 -16.33
CA GLY A 326 -0.85 2.15 -16.50
C GLY A 326 0.04 2.15 -15.25
N PHE A 327 -0.51 1.94 -14.06
CA PHE A 327 0.35 1.92 -12.88
C PHE A 327 1.20 0.64 -12.94
N GLU A 328 2.43 0.71 -12.48
CA GLU A 328 3.30 -0.47 -12.49
C GLU A 328 4.07 -0.64 -11.19
N PHE A 329 4.12 -1.85 -10.68
CA PHE A 329 4.91 -2.10 -9.49
C PHE A 329 6.27 -2.57 -10.00
N GLY A 330 7.34 -2.10 -9.39
CA GLY A 330 8.66 -2.56 -9.81
C GLY A 330 9.16 -3.67 -8.87
N VAL A 331 10.21 -4.39 -9.29
CA VAL A 331 10.78 -5.44 -8.46
C VAL A 331 12.09 -4.90 -7.94
N PHE A 332 12.27 -4.94 -6.63
CA PHE A 332 13.46 -4.41 -5.99
C PHE A 332 14.11 -5.37 -5.00
N ASP A 333 15.36 -5.10 -4.68
CA ASP A 333 16.10 -5.85 -3.67
C ASP A 333 16.01 -4.95 -2.43
N TRP A 334 15.52 -5.49 -1.33
CA TRP A 334 15.42 -4.70 -0.10
C TRP A 334 16.70 -4.94 0.69
N HIS A 335 17.07 -3.99 1.54
CA HIS A 335 18.31 -4.11 2.32
C HIS A 335 18.04 -3.86 3.78
N ALA A 336 18.92 -4.36 4.65
CA ALA A 336 18.78 -4.17 6.10
C ALA A 336 18.78 -2.67 6.34
N ASN A 337 19.31 -1.98 5.33
CA ASN A 337 19.44 -0.53 5.25
C ASN A 337 18.09 0.18 5.38
N GLY A 338 17.07 -0.44 4.78
CA GLY A 338 15.74 0.15 4.77
C GLY A 338 15.60 0.86 3.44
N THR A 339 16.46 0.48 2.50
CA THR A 339 16.48 1.04 1.17
C THR A 339 16.18 -0.05 0.15
N ALA A 340 15.83 0.36 -1.08
CA ALA A 340 15.50 -0.58 -2.14
C ALA A 340 16.22 -0.26 -3.45
N THR A 341 16.82 -1.26 -4.06
CA THR A 341 17.51 -1.06 -5.33
C THR A 341 16.87 -1.95 -6.36
N ASP A 342 16.77 -1.45 -7.58
CA ASP A 342 16.16 -2.21 -8.65
C ASP A 342 16.84 -3.59 -8.76
N ALA A 343 16.01 -4.64 -8.80
CA ALA A 343 16.51 -5.99 -8.93
C ALA A 343 16.93 -6.17 -10.37
N LYS A 344 17.86 -7.08 -10.60
CA LYS A 344 18.36 -7.35 -11.94
C LYS A 344 17.45 -8.28 -12.75
N ILE B . -1.69 -2.71 -0.12
CA ILE B . -2.03 -3.39 1.16
C ILE B . -3.55 -3.59 1.37
O ILE B . -4.34 -3.27 0.44
CB ILE B . -1.43 -2.62 2.37
CG1 ILE B . -1.75 -1.14 2.24
CG2 ILE B . 0.10 -2.77 2.40
CD1 ILE B . -1.05 -0.30 3.33
OXT ILE B . -3.94 -4.08 2.46
C1 MRD C . 2.65 -22.90 7.86
C2 MRD C . 2.44 -24.37 8.19
O2 MRD C . 2.02 -25.07 7.19
CM MRD C . 3.79 -24.79 8.72
C3 MRD C . 1.51 -24.29 9.42
C4 MRD C . 1.21 -25.67 10.08
O4 MRD C . 2.36 -26.19 10.73
C5 MRD C . 0.61 -26.69 9.17
#